data_5BX7
#
_entry.id   5BX7
#
_cell.length_a   72.653
_cell.length_b   75.417
_cell.length_c   80.540
_cell.angle_alpha   90.00
_cell.angle_beta   90.00
_cell.angle_gamma   90.00
#
_symmetry.space_group_name_H-M   'P 21 21 21'
#
loop_
_entity.id
_entity.type
_entity.pdbx_description
1 polymer 'cAMP-dependent protein kinase catalytic subunit alpha'
2 polymer 'cAMP-dependent protein kinase inhibitor alpha'
3 non-polymer 1-benzothiophen-3-ylmethanol
4 non-polymer (4S)-2-METHYL-2,4-PENTANEDIOL
5 non-polymer 1,2-ETHANEDIOL
6 water water
#
loop_
_entity_poly.entity_id
_entity_poly.type
_entity_poly.pdbx_seq_one_letter_code
_entity_poly.pdbx_strand_id
1 'polypeptide(L)'
;MGNAAAAKKG(SEP)EQESVKEFLAKAKEDFLKKWESPAQNTAHLDQFERIKTLGTGSFGRVMLVKHKETGNHYAMKILD
KQKVVKLKQIEHTLNEKRILQAVNFPFLVKLEFSFKDNSNLYMVMEYVPGGEMFSHLRRIGRFSEPHARFYAAQIVLTFE
YLHSLDLIYRDLKPENLLIDQQGYIQVTDFGFAKRVKGRTW(TPO)LCGTPEYLAPEIILSKGYNKAVDWWALGVLIYEM
AAGYPPFFADQPIQIYEKIVSGKVRFPSHFSSDLKDLLRNLLQVDLTKRFGNLKNGVNDIKNHKWFATTDWIAIYQRKVE
APFIPKFKGPGDTSNFDDYEEEEIRV(SEP)INEKCGKEFSEF
;
A
2 'polypeptide(L)' TTYADFIASGRTGRRNAIHD B
#
loop_
_chem_comp.id
_chem_comp.type
_chem_comp.name
_chem_comp.formula
4W1 non-polymer 1-benzothiophen-3-ylmethanol 'C9 H8 O S'
EDO non-polymer 1,2-ETHANEDIOL 'C2 H6 O2'
MPD non-polymer (4S)-2-METHYL-2,4-PENTANEDIOL 'C6 H14 O2'
#
# COMPACT_ATOMS: atom_id res chain seq x y z
N ALA A 6 25.98 -7.16 3.33
CA ALA A 6 25.02 -6.48 2.48
C ALA A 6 25.55 -6.32 1.06
N ALA A 7 26.85 -6.56 0.91
CA ALA A 7 27.50 -6.40 -0.39
C ALA A 7 27.78 -7.74 -1.09
N LYS A 8 27.77 -8.82 -0.31
CA LYS A 8 28.13 -10.17 -0.79
C LYS A 8 27.17 -10.69 -1.89
N LYS A 9 27.74 -11.20 -2.97
CA LYS A 9 26.98 -11.76 -4.10
C LYS A 9 27.33 -13.23 -4.38
N GLY A 10 27.03 -14.12 -3.44
CA GLY A 10 27.28 -15.54 -3.61
C GLY A 10 26.21 -16.28 -4.40
N SEP A 11 25.41 -17.10 -3.71
CA SEP A 11 24.38 -17.93 -4.37
CB SEP A 11 24.61 -19.43 -4.10
OG SEP A 11 24.54 -19.71 -2.71
C SEP A 11 22.94 -17.54 -4.01
O SEP A 11 22.03 -17.71 -4.81
P SEP A 11 24.18 -21.27 -2.45
O1P SEP A 11 25.45 -22.19 -2.84
O2P SEP A 11 22.97 -21.70 -3.40
O3P SEP A 11 23.70 -21.39 -0.91
N GLU A 12 22.74 -17.02 -2.80
CA GLU A 12 21.41 -16.58 -2.38
C GLU A 12 20.91 -15.42 -3.25
N GLN A 13 21.83 -14.56 -3.67
CA GLN A 13 21.49 -13.41 -4.50
C GLN A 13 21.14 -13.88 -5.91
N GLU A 14 21.69 -15.02 -6.32
CA GLU A 14 21.34 -15.56 -7.63
C GLU A 14 19.94 -16.19 -7.66
N SER A 15 19.54 -16.85 -6.57
CA SER A 15 18.17 -17.33 -6.44
C SER A 15 17.18 -16.15 -6.51
N VAL A 16 17.51 -15.06 -5.83
CA VAL A 16 16.65 -13.87 -5.89
C VAL A 16 16.56 -13.37 -7.33
N LYS A 17 17.72 -13.18 -7.96
CA LYS A 17 17.75 -12.73 -9.35
C LYS A 17 16.91 -13.60 -10.28
N GLU A 18 17.06 -14.92 -10.18
CA GLU A 18 16.32 -15.79 -11.09
C GLU A 18 14.83 -15.67 -10.82
N PHE A 19 14.44 -15.57 -9.55
CA PHE A 19 13.03 -15.39 -9.21
C PHE A 19 12.48 -14.11 -9.85
N LEU A 20 13.22 -13.02 -9.70
CA LEU A 20 12.78 -11.73 -10.23
C LEU A 20 12.75 -11.74 -11.76
N ALA A 21 13.73 -12.40 -12.40
CA ALA A 21 13.74 -12.50 -13.86
C ALA A 21 12.45 -13.14 -14.38
N LYS A 22 12.08 -14.27 -13.78
CA LYS A 22 10.85 -14.97 -14.13
C LYS A 22 9.59 -14.15 -13.82
N ALA A 23 9.64 -13.41 -12.72
CA ALA A 23 8.50 -12.59 -12.32
C ALA A 23 8.29 -11.48 -13.34
N LYS A 24 9.40 -10.91 -13.83
CA LYS A 24 9.32 -9.84 -14.81
C LYS A 24 8.76 -10.35 -16.13
N GLU A 25 9.17 -11.56 -16.52
CA GLU A 25 8.61 -12.20 -17.71
C GLU A 25 7.08 -12.29 -17.64
N ASP A 26 6.56 -12.81 -16.53
CA ASP A 26 5.11 -12.92 -16.35
C ASP A 26 4.45 -11.55 -16.39
N PHE A 27 5.05 -10.59 -15.67
CA PHE A 27 4.47 -9.26 -15.54
C PHE A 27 4.36 -8.58 -16.90
N LEU A 28 5.42 -8.64 -17.70
CA LEU A 28 5.45 -7.92 -18.96
C LEU A 28 4.40 -8.46 -19.93
N LYS A 29 4.17 -9.77 -19.90
CA LYS A 29 3.14 -10.33 -20.77
C LYS A 29 1.77 -9.71 -20.48
N LYS A 30 1.46 -9.54 -19.20
CA LYS A 30 0.17 -8.96 -18.83
C LYS A 30 0.18 -7.43 -18.96
N TRP A 31 1.34 -6.82 -18.72
CA TRP A 31 1.47 -5.38 -18.85
C TRP A 31 1.18 -4.96 -20.28
N GLU A 32 1.67 -5.75 -21.23
CA GLU A 32 1.53 -5.42 -22.64
C GLU A 32 0.16 -5.81 -23.19
N SER A 33 -0.50 -6.82 -22.59
CA SER A 33 -1.82 -7.26 -23.04
C SER A 33 -2.78 -7.36 -21.87
N PRO A 34 -3.21 -6.21 -21.33
CA PRO A 34 -3.98 -6.21 -20.09
C PRO A 34 -5.33 -6.91 -20.22
N ALA A 35 -5.75 -7.59 -19.16
CA ALA A 35 -7.11 -8.13 -19.08
C ALA A 35 -8.11 -6.98 -19.03
N GLN A 36 -9.26 -7.17 -19.64
CA GLN A 36 -10.22 -6.09 -19.76
C GLN A 36 -11.63 -6.68 -19.84
N ASN A 37 -12.59 -6.02 -19.20
CA ASN A 37 -14.00 -6.38 -19.27
C ASN A 37 -14.25 -7.85 -18.90
N THR A 38 -13.83 -8.27 -17.71
CA THR A 38 -13.90 -9.68 -17.32
C THR A 38 -15.08 -10.03 -16.42
N ALA A 39 -15.96 -9.08 -16.16
CA ALA A 39 -17.20 -9.36 -15.45
C ALA A 39 -18.21 -8.25 -15.70
N HIS A 40 -19.34 -8.32 -15.00
CA HIS A 40 -20.39 -7.31 -15.11
C HIS A 40 -21.01 -7.10 -13.75
N LEU A 41 -21.45 -5.88 -13.49
CA LEU A 41 -21.99 -5.50 -12.19
C LEU A 41 -23.10 -6.41 -11.70
N ASP A 42 -23.92 -6.89 -12.63
CA ASP A 42 -25.08 -7.71 -12.31
C ASP A 42 -24.68 -9.12 -11.85
N GLN A 43 -23.41 -9.46 -11.99
CA GLN A 43 -22.94 -10.76 -11.53
C GLN A 43 -22.64 -10.74 -10.03
N PHE A 44 -22.77 -9.58 -9.41
CA PHE A 44 -22.41 -9.41 -8.01
C PHE A 44 -23.56 -8.87 -7.19
N GLU A 45 -23.67 -9.38 -5.97
CA GLU A 45 -24.62 -8.87 -4.99
C GLU A 45 -23.87 -7.94 -4.03
N ARG A 46 -24.33 -6.69 -3.94
N ARG A 46 -24.39 -6.71 -3.92
CA ARG A 46 -23.63 -5.68 -3.15
CA ARG A 46 -23.87 -5.72 -2.98
C ARG A 46 -24.10 -5.68 -1.69
C ARG A 46 -24.13 -6.12 -1.54
N ILE A 47 -23.16 -5.91 -0.78
N ILE A 47 -23.13 -6.00 -0.67
CA ILE A 47 -23.50 -6.15 0.62
CA ILE A 47 -23.33 -6.37 0.72
C ILE A 47 -23.25 -4.96 1.53
C ILE A 47 -23.12 -5.20 1.69
N LYS A 48 -22.00 -4.48 1.58
CA LYS A 48 -21.65 -3.48 2.58
C LYS A 48 -20.42 -2.70 2.18
N THR A 49 -20.37 -1.43 2.58
CA THR A 49 -19.21 -0.60 2.27
C THR A 49 -18.09 -0.89 3.26
N LEU A 50 -16.90 -1.18 2.73
CA LEU A 50 -15.73 -1.54 3.54
C LEU A 50 -14.80 -0.36 3.78
N GLY A 51 -14.86 0.60 2.87
CA GLY A 51 -14.02 1.79 2.95
C GLY A 51 -14.37 2.79 1.86
N THR A 52 -13.87 4.01 2.03
CA THR A 52 -14.11 5.08 1.07
C THR A 52 -12.81 5.74 0.61
N GLY A 53 -12.91 6.50 -0.47
CA GLY A 53 -11.80 7.27 -1.00
C GLY A 53 -12.34 8.50 -1.73
N SER A 54 -11.48 9.19 -2.45
CA SER A 54 -11.84 10.44 -3.11
C SER A 54 -12.88 10.25 -4.23
N PHE A 55 -12.71 9.22 -5.06
CA PHE A 55 -13.56 9.12 -6.25
C PHE A 55 -14.56 7.98 -6.14
N GLY A 56 -14.54 7.30 -5.00
CA GLY A 56 -15.46 6.23 -4.74
C GLY A 56 -15.21 5.43 -3.50
N ARG A 57 -15.81 4.24 -3.47
CA ARG A 57 -15.83 3.38 -2.30
C ARG A 57 -15.37 1.96 -2.61
N VAL A 58 -15.10 1.20 -1.56
CA VAL A 58 -14.82 -0.22 -1.69
C VAL A 58 -15.95 -0.96 -0.99
N MET A 59 -16.59 -1.87 -1.71
CA MET A 59 -17.74 -2.58 -1.14
C MET A 59 -17.52 -4.09 -1.09
N LEU A 60 -17.95 -4.71 0.00
CA LEU A 60 -18.05 -6.15 0.04
C LEU A 60 -19.19 -6.57 -0.89
N VAL A 61 -18.89 -7.48 -1.81
CA VAL A 61 -19.89 -8.02 -2.73
C VAL A 61 -19.85 -9.55 -2.72
N LYS A 62 -20.93 -10.18 -3.18
CA LYS A 62 -20.94 -11.63 -3.37
C LYS A 62 -21.14 -11.97 -4.86
N HIS A 63 -20.19 -12.71 -5.42
CA HIS A 63 -20.28 -13.21 -6.78
C HIS A 63 -21.34 -14.30 -6.85
N LYS A 64 -22.39 -14.07 -7.63
CA LYS A 64 -23.56 -14.96 -7.62
C LYS A 64 -23.28 -16.38 -8.10
N GLU A 65 -22.49 -16.53 -9.15
CA GLU A 65 -22.29 -17.84 -9.75
C GLU A 65 -21.46 -18.77 -8.87
N THR A 66 -20.54 -18.21 -8.10
CA THR A 66 -19.64 -19.01 -7.28
C THR A 66 -19.92 -18.89 -5.78
N GLY A 67 -20.54 -17.79 -5.37
CA GLY A 67 -20.80 -17.55 -3.96
C GLY A 67 -19.58 -17.02 -3.23
N ASN A 68 -18.53 -16.71 -3.98
CA ASN A 68 -17.35 -16.08 -3.40
C ASN A 68 -17.60 -14.63 -3.03
N HIS A 69 -17.02 -14.19 -1.92
CA HIS A 69 -17.02 -12.77 -1.56
C HIS A 69 -15.79 -12.05 -2.10
N TYR A 70 -15.99 -10.80 -2.48
CA TYR A 70 -14.90 -9.96 -2.97
C TYR A 70 -15.03 -8.54 -2.44
N ALA A 71 -13.96 -7.76 -2.60
CA ALA A 71 -14.00 -6.33 -2.33
C ALA A 71 -13.96 -5.60 -3.66
N MET A 72 -15.02 -4.85 -3.94
CA MET A 72 -15.17 -4.16 -5.22
C MET A 72 -14.94 -2.67 -5.06
N LYS A 73 -13.87 -2.17 -5.69
CA LYS A 73 -13.60 -0.75 -5.70
C LYS A 73 -14.39 -0.09 -6.80
N ILE A 74 -15.19 0.92 -6.44
CA ILE A 74 -16.02 1.62 -7.41
C ILE A 74 -15.53 3.05 -7.56
N LEU A 75 -15.17 3.43 -8.79
CA LEU A 75 -14.74 4.80 -9.08
C LEU A 75 -15.73 5.48 -10.02
N ASP A 76 -16.23 6.64 -9.60
CA ASP A 76 -17.09 7.47 -10.44
C ASP A 76 -16.23 8.15 -11.52
N LYS A 77 -16.46 7.82 -12.78
CA LYS A 77 -15.63 8.36 -13.86
C LYS A 77 -15.59 9.90 -13.85
N GLN A 78 -16.73 10.53 -13.61
CA GLN A 78 -16.79 11.98 -13.66
C GLN A 78 -15.95 12.61 -12.54
N LYS A 79 -15.93 11.97 -11.38
CA LYS A 79 -15.15 12.47 -10.26
C LYS A 79 -13.65 12.27 -10.50
N VAL A 80 -13.28 11.15 -11.13
CA VAL A 80 -11.88 10.90 -11.44
C VAL A 80 -11.35 12.01 -12.36
N VAL A 81 -12.16 12.40 -13.33
CA VAL A 81 -11.79 13.44 -14.27
C VAL A 81 -11.64 14.79 -13.57
N LYS A 82 -12.59 15.15 -12.72
CA LYS A 82 -12.52 16.43 -12.01
C LYS A 82 -11.30 16.55 -11.12
N LEU A 83 -10.86 15.42 -10.58
CA LEU A 83 -9.69 15.41 -9.73
C LEU A 83 -8.42 15.08 -10.49
N LYS A 84 -8.54 15.12 -11.81
CA LYS A 84 -7.43 14.91 -12.75
C LYS A 84 -6.64 13.64 -12.44
N GLN A 85 -7.35 12.56 -12.21
CA GLN A 85 -6.74 11.29 -11.85
C GLN A 85 -6.94 10.26 -12.94
N ILE A 86 -7.20 10.73 -14.17
CA ILE A 86 -7.45 9.80 -15.28
C ILE A 86 -6.27 8.86 -15.46
N GLU A 87 -5.09 9.44 -15.67
CA GLU A 87 -3.94 8.62 -16.00
C GLU A 87 -3.55 7.76 -14.79
N HIS A 88 -3.66 8.31 -13.58
CA HIS A 88 -3.36 7.53 -12.39
C HIS A 88 -4.28 6.31 -12.26
N THR A 89 -5.55 6.48 -12.61
CA THR A 89 -6.50 5.38 -12.53
C THR A 89 -6.21 4.30 -13.59
N LEU A 90 -5.79 4.74 -14.78
CA LEU A 90 -5.38 3.78 -15.81
C LEU A 90 -4.12 3.04 -15.37
N ASN A 91 -3.19 3.77 -14.76
CA ASN A 91 -2.02 3.16 -14.11
C ASN A 91 -2.44 2.07 -13.13
N GLU A 92 -3.32 2.45 -12.21
CA GLU A 92 -3.73 1.57 -11.12
C GLU A 92 -4.23 0.22 -11.63
N LYS A 93 -5.15 0.25 -12.59
CA LYS A 93 -5.75 -0.97 -13.06
C LYS A 93 -4.77 -1.77 -13.94
N ARG A 94 -4.02 -1.10 -14.81
CA ARG A 94 -3.09 -1.80 -15.70
C ARG A 94 -2.01 -2.53 -14.90
N ILE A 95 -1.55 -1.88 -13.84
CA ILE A 95 -0.51 -2.45 -12.98
C ILE A 95 -1.06 -3.58 -12.14
N LEU A 96 -2.19 -3.33 -11.47
CA LEU A 96 -2.75 -4.34 -10.57
C LEU A 96 -3.14 -5.62 -11.32
N GLN A 97 -3.62 -5.52 -12.56
CA GLN A 97 -4.00 -6.74 -13.29
C GLN A 97 -2.75 -7.51 -13.75
N ALA A 98 -1.58 -6.88 -13.66
CA ALA A 98 -0.36 -7.51 -14.18
C ALA A 98 0.54 -8.11 -13.09
N VAL A 99 0.39 -7.69 -11.85
CA VAL A 99 1.33 -8.15 -10.82
C VAL A 99 0.85 -9.43 -10.13
N ASN A 100 1.77 -10.09 -9.43
CA ASN A 100 1.49 -11.35 -8.75
C ASN A 100 2.53 -11.59 -7.66
N PHE A 101 2.12 -11.44 -6.39
CA PHE A 101 3.03 -11.57 -5.25
C PHE A 101 2.18 -11.87 -4.03
N PRO A 102 2.71 -12.66 -3.08
CA PRO A 102 1.93 -13.08 -1.91
C PRO A 102 1.30 -11.93 -1.13
N PHE A 103 1.97 -10.79 -1.09
CA PHE A 103 1.55 -9.70 -0.21
C PHE A 103 0.89 -8.56 -0.97
N LEU A 104 0.48 -8.84 -2.20
CA LEU A 104 -0.31 -7.90 -2.99
C LEU A 104 -1.73 -8.44 -3.15
N VAL A 105 -2.73 -7.63 -2.83
CA VAL A 105 -4.11 -8.09 -3.01
C VAL A 105 -4.34 -8.40 -4.48
N LYS A 106 -5.04 -9.50 -4.76
CA LYS A 106 -5.28 -9.92 -6.15
C LYS A 106 -6.46 -9.25 -6.81
N LEU A 107 -6.27 -8.78 -8.04
CA LEU A 107 -7.40 -8.28 -8.82
C LEU A 107 -8.04 -9.45 -9.55
N GLU A 108 -9.31 -9.73 -9.30
CA GLU A 108 -9.96 -10.90 -9.90
C GLU A 108 -10.74 -10.54 -11.17
N PHE A 109 -11.38 -9.37 -11.17
CA PHE A 109 -12.11 -8.91 -12.35
C PHE A 109 -12.02 -7.41 -12.46
N SER A 110 -12.23 -6.87 -13.66
CA SER A 110 -12.44 -5.44 -13.80
C SER A 110 -13.37 -5.19 -14.95
N PHE A 111 -14.10 -4.09 -14.88
CA PHE A 111 -15.07 -3.75 -15.92
C PHE A 111 -15.53 -2.32 -15.66
N LYS A 112 -16.32 -1.77 -16.57
CA LYS A 112 -16.83 -0.41 -16.42
C LYS A 112 -18.23 -0.35 -16.98
N ASP A 113 -19.01 0.66 -16.59
CA ASP A 113 -20.31 0.88 -17.22
C ASP A 113 -20.44 2.36 -17.58
N ASN A 114 -21.66 2.84 -17.82
CA ASN A 114 -21.83 4.23 -18.22
C ASN A 114 -21.21 5.22 -17.23
N SER A 115 -21.23 4.87 -15.95
CA SER A 115 -20.90 5.83 -14.90
C SER A 115 -19.59 5.55 -14.18
N ASN A 116 -19.32 4.27 -13.93
CA ASN A 116 -18.28 3.89 -13.01
C ASN A 116 -17.20 2.97 -13.59
N LEU A 117 -16.07 2.92 -12.89
CA LEU A 117 -15.05 1.91 -13.11
C LEU A 117 -15.09 0.96 -11.94
N TYR A 118 -14.83 -0.32 -12.19
CA TYR A 118 -14.91 -1.31 -11.13
C TYR A 118 -13.69 -2.22 -11.09
N MET A 119 -13.11 -2.38 -9.91
CA MET A 119 -12.03 -3.35 -9.73
C MET A 119 -12.42 -4.30 -8.62
N VAL A 120 -12.57 -5.58 -8.98
CA VAL A 120 -13.05 -6.59 -8.02
C VAL A 120 -11.85 -7.37 -7.52
N MET A 121 -11.56 -7.22 -6.24
CA MET A 121 -10.36 -7.80 -5.66
C MET A 121 -10.72 -8.86 -4.63
N GLU A 122 -9.73 -9.66 -4.25
CA GLU A 122 -9.90 -10.62 -3.17
C GLU A 122 -10.39 -9.89 -1.92
N TYR A 123 -11.36 -10.48 -1.22
CA TYR A 123 -11.79 -9.91 0.06
C TYR A 123 -10.84 -10.36 1.16
N VAL A 124 -10.25 -9.39 1.87
CA VAL A 124 -9.30 -9.66 2.93
C VAL A 124 -10.00 -9.30 4.24
N PRO A 125 -10.47 -10.32 4.97
CA PRO A 125 -11.45 -10.15 6.07
C PRO A 125 -10.88 -9.59 7.38
N GLY A 126 -9.56 -9.60 7.53
CA GLY A 126 -8.96 -9.27 8.82
C GLY A 126 -8.88 -7.79 9.18
N GLY A 127 -9.25 -6.92 8.24
CA GLY A 127 -9.28 -5.48 8.48
C GLY A 127 -7.98 -4.76 8.15
N GLU A 128 -8.01 -3.42 8.18
CA GLU A 128 -6.81 -2.62 7.94
C GLU A 128 -5.84 -2.68 9.12
N MET A 129 -4.54 -2.78 8.84
CA MET A 129 -3.53 -2.62 9.89
C MET A 129 -3.82 -1.37 10.72
N PHE A 130 -4.22 -0.29 10.04
CA PHE A 130 -4.56 0.97 10.71
C PHE A 130 -5.49 0.77 11.91
N SER A 131 -6.54 -0.02 11.74
CA SER A 131 -7.52 -0.19 12.80
C SER A 131 -6.90 -0.88 14.01
N HIS A 132 -6.08 -1.89 13.75
CA HIS A 132 -5.49 -2.68 14.81
C HIS A 132 -4.43 -1.88 15.56
N LEU A 133 -3.64 -1.14 14.78
CA LEU A 133 -2.55 -0.35 15.30
C LEU A 133 -3.08 0.72 16.24
N ARG A 134 -4.13 1.42 15.82
CA ARG A 134 -4.66 2.49 16.64
C ARG A 134 -5.27 1.91 17.92
N ARG A 135 -5.99 0.81 17.79
CA ARG A 135 -6.65 0.22 18.96
C ARG A 135 -5.63 -0.29 19.98
N ILE A 136 -4.60 -1.01 19.53
CA ILE A 136 -3.64 -1.59 20.46
C ILE A 136 -2.67 -0.53 20.95
N GLY A 137 -2.47 0.50 20.14
CA GLY A 137 -1.54 1.57 20.49
C GLY A 137 -0.28 1.50 19.68
N ARG A 138 0.55 0.50 19.94
CA ARG A 138 1.74 0.25 19.14
C ARG A 138 2.02 -1.24 19.07
N PHE A 139 2.81 -1.64 18.07
CA PHE A 139 3.22 -3.02 17.92
C PHE A 139 4.57 -3.19 18.60
N SER A 140 4.85 -4.38 19.12
CA SER A 140 6.17 -4.67 19.64
C SER A 140 7.14 -4.68 18.46
N GLU A 141 8.44 -4.59 18.73
CA GLU A 141 9.39 -4.60 17.62
C GLU A 141 9.36 -5.93 16.83
N PRO A 142 9.25 -7.08 17.51
CA PRO A 142 9.13 -8.29 16.67
C PRO A 142 7.89 -8.27 15.80
N HIS A 143 6.80 -7.75 16.35
CA HIS A 143 5.55 -7.61 15.61
C HIS A 143 5.74 -6.71 14.39
N ALA A 144 6.33 -5.54 14.60
CA ALA A 144 6.55 -4.57 13.53
C ALA A 144 7.51 -5.12 12.48
N ARG A 145 8.51 -5.87 12.93
CA ARG A 145 9.51 -6.47 12.06
C ARG A 145 8.88 -7.47 11.09
N PHE A 146 7.97 -8.28 11.62
CA PHE A 146 7.24 -9.24 10.81
C PHE A 146 6.49 -8.58 9.64
N TYR A 147 5.72 -7.53 9.93
CA TYR A 147 5.03 -6.77 8.86
C TYR A 147 6.02 -6.07 7.94
N ALA A 148 7.03 -5.43 8.53
CA ALA A 148 8.03 -4.69 7.77
C ALA A 148 8.73 -5.56 6.74
N ALA A 149 9.07 -6.79 7.15
CA ALA A 149 9.77 -7.70 6.26
C ALA A 149 8.95 -7.96 4.99
N GLN A 150 7.64 -8.10 5.15
CA GLN A 150 6.76 -8.33 4.02
C GLN A 150 6.74 -7.13 3.06
N ILE A 151 6.81 -5.92 3.61
CA ILE A 151 6.83 -4.73 2.76
C ILE A 151 8.17 -4.65 2.04
N VAL A 152 9.24 -5.02 2.74
CA VAL A 152 10.56 -5.04 2.10
C VAL A 152 10.56 -5.94 0.88
N LEU A 153 10.06 -7.17 1.01
CA LEU A 153 10.03 -8.08 -0.13
C LEU A 153 9.09 -7.58 -1.23
N THR A 154 7.96 -7.00 -0.81
CA THR A 154 7.00 -6.46 -1.77
C THR A 154 7.62 -5.32 -2.59
N PHE A 155 8.38 -4.43 -1.95
CA PHE A 155 9.00 -3.34 -2.69
C PHE A 155 10.15 -3.87 -3.57
N GLU A 156 10.88 -4.86 -3.07
CA GLU A 156 11.89 -5.51 -3.92
C GLU A 156 11.24 -6.03 -5.21
N TYR A 157 10.12 -6.73 -5.06
CA TYR A 157 9.35 -7.18 -6.23
C TYR A 157 8.91 -6.00 -7.11
N LEU A 158 8.12 -5.09 -6.55
CA LEU A 158 7.57 -3.96 -7.34
C LEU A 158 8.67 -3.16 -8.05
N HIS A 159 9.74 -2.83 -7.33
CA HIS A 159 10.77 -1.99 -7.92
C HIS A 159 11.50 -2.68 -9.06
N SER A 160 11.63 -4.01 -8.98
CA SER A 160 12.32 -4.76 -10.01
C SER A 160 11.55 -4.72 -11.32
N LEU A 161 10.26 -4.43 -11.22
CA LEU A 161 9.36 -4.29 -12.36
C LEU A 161 9.26 -2.84 -12.84
N ASP A 162 10.14 -2.00 -12.28
CA ASP A 162 10.17 -0.55 -12.54
C ASP A 162 8.92 0.16 -12.03
N LEU A 163 8.28 -0.41 -11.01
CA LEU A 163 7.12 0.20 -10.41
C LEU A 163 7.49 0.98 -9.16
N ILE A 164 6.81 2.11 -8.95
CA ILE A 164 6.90 2.84 -7.70
C ILE A 164 5.50 2.81 -7.08
N TYR A 165 5.41 2.60 -5.78
CA TYR A 165 4.10 2.36 -5.19
C TYR A 165 3.45 3.67 -4.69
N ARG A 166 4.22 4.45 -3.95
CA ARG A 166 3.89 5.85 -3.58
C ARG A 166 2.69 6.07 -2.66
N ASP A 167 2.12 5.03 -2.05
CA ASP A 167 1.14 5.32 -1.02
C ASP A 167 1.14 4.36 0.16
N LEU A 168 2.34 3.98 0.62
CA LEU A 168 2.45 3.13 1.79
C LEU A 168 1.90 3.81 3.04
N LYS A 169 0.99 3.13 3.73
CA LYS A 169 0.45 3.59 5.02
C LYS A 169 -0.38 2.46 5.64
N PRO A 170 -0.56 2.49 6.96
CA PRO A 170 -1.33 1.38 7.55
C PRO A 170 -2.74 1.26 7.01
N GLU A 171 -3.32 2.36 6.53
CA GLU A 171 -4.68 2.33 5.99
C GLU A 171 -4.75 1.45 4.73
N ASN A 172 -3.62 1.26 4.05
CA ASN A 172 -3.58 0.48 2.80
C ASN A 172 -3.03 -0.94 2.96
N LEU A 173 -2.86 -1.38 4.20
CA LEU A 173 -2.33 -2.71 4.45
C LEU A 173 -3.38 -3.52 5.15
N LEU A 174 -3.79 -4.62 4.54
CA LEU A 174 -4.83 -5.47 5.12
C LEU A 174 -4.21 -6.72 5.73
N ILE A 175 -4.81 -7.22 6.80
CA ILE A 175 -4.37 -8.44 7.45
C ILE A 175 -5.24 -9.61 6.99
N ASP A 176 -4.65 -10.64 6.41
CA ASP A 176 -5.46 -11.76 5.95
C ASP A 176 -5.68 -12.80 7.06
N GLN A 177 -6.35 -13.90 6.72
CA GLN A 177 -6.70 -14.87 7.74
C GLN A 177 -5.49 -15.61 8.29
N GLN A 178 -4.35 -15.53 7.61
CA GLN A 178 -3.13 -16.13 8.12
C GLN A 178 -2.32 -15.14 8.96
N GLY A 179 -2.82 -13.91 9.08
CA GLY A 179 -2.11 -12.88 9.83
C GLY A 179 -1.05 -12.16 9.01
N TYR A 180 -1.00 -12.43 7.71
CA TYR A 180 -0.04 -11.75 6.84
C TYR A 180 -0.66 -10.51 6.18
N ILE A 181 0.20 -9.70 5.56
CA ILE A 181 -0.17 -8.43 4.94
C ILE A 181 -0.58 -8.59 3.49
N GLN A 182 -1.59 -7.83 3.07
CA GLN A 182 -1.87 -7.66 1.66
C GLN A 182 -2.02 -6.15 1.35
N VAL A 183 -1.18 -5.68 0.43
CA VAL A 183 -1.15 -4.27 0.04
C VAL A 183 -2.32 -3.98 -0.87
N THR A 184 -3.09 -2.95 -0.55
CA THR A 184 -4.16 -2.51 -1.44
C THR A 184 -3.94 -1.06 -1.86
N ASP A 185 -4.75 -0.61 -2.81
CA ASP A 185 -4.71 0.75 -3.35
C ASP A 185 -3.43 1.05 -4.12
N PHE A 186 -3.53 0.88 -5.42
CA PHE A 186 -2.46 1.18 -6.33
C PHE A 186 -2.77 2.47 -7.08
N GLY A 187 -3.58 3.34 -6.48
CA GLY A 187 -4.03 4.55 -7.14
C GLY A 187 -2.90 5.47 -7.60
N PHE A 188 -1.75 5.41 -6.92
CA PHE A 188 -0.60 6.21 -7.34
C PHE A 188 0.58 5.39 -7.87
N ALA A 189 0.38 4.08 -8.06
CA ALA A 189 1.46 3.25 -8.58
C ALA A 189 1.77 3.65 -10.04
N LYS A 190 3.04 3.62 -10.42
CA LYS A 190 3.43 4.09 -11.73
C LYS A 190 4.59 3.25 -12.22
N ARG A 191 4.58 2.89 -13.49
CA ARG A 191 5.74 2.24 -14.07
C ARG A 191 6.61 3.31 -14.73
N VAL A 192 7.81 3.48 -14.23
CA VAL A 192 8.65 4.57 -14.74
C VAL A 192 10.11 4.23 -14.53
N LYS A 193 10.89 4.37 -15.60
CA LYS A 193 12.33 4.27 -15.51
C LYS A 193 12.90 5.68 -15.37
N GLY A 194 13.68 5.93 -14.33
CA GLY A 194 14.14 7.28 -14.09
C GLY A 194 13.16 8.14 -13.30
N ARG A 195 13.30 9.46 -13.42
CA ARG A 195 12.61 10.42 -12.56
C ARG A 195 11.13 10.59 -12.86
N THR A 196 10.36 10.90 -11.82
CA THR A 196 9.01 11.41 -12.02
C THR A 196 8.76 12.52 -11.02
N TRP A 197 7.65 13.24 -11.16
CA TRP A 197 7.52 14.55 -10.50
C TRP A 197 6.18 14.81 -9.83
N TPO A 198 5.21 13.91 -9.96
CA TPO A 198 3.87 14.19 -9.43
CB TPO A 198 2.87 13.11 -9.85
CG2 TPO A 198 1.49 13.49 -9.30
OG1 TPO A 198 2.81 13.05 -11.27
P TPO A 198 3.26 11.61 -11.81
O1P TPO A 198 3.45 11.77 -13.28
O2P TPO A 198 4.68 11.22 -11.15
O3P TPO A 198 2.15 10.52 -11.46
C TPO A 198 3.84 14.35 -7.92
O TPO A 198 4.38 13.50 -7.19
N LEU A 199 3.25 15.43 -7.45
CA LEU A 199 3.06 15.62 -6.03
C LEU A 199 1.86 14.77 -5.61
N CYS A 200 2.13 13.62 -5.01
CA CYS A 200 1.08 12.72 -4.57
C CYS A 200 1.57 11.84 -3.43
N GLY A 201 0.63 11.24 -2.70
CA GLY A 201 0.93 10.40 -1.56
C GLY A 201 0.09 10.86 -0.38
N THR A 202 0.50 10.51 0.84
CA THR A 202 -0.17 10.97 2.06
C THR A 202 0.83 11.78 2.91
N PRO A 203 0.42 12.95 3.43
CA PRO A 203 1.35 13.92 4.03
C PRO A 203 2.39 13.33 4.98
N GLU A 204 1.95 12.56 5.97
CA GLU A 204 2.87 11.96 6.95
C GLU A 204 3.97 11.10 6.28
N TYR A 205 3.70 10.58 5.09
CA TYR A 205 4.59 9.60 4.48
C TYR A 205 5.43 10.15 3.34
N LEU A 206 5.22 11.42 2.97
CA LEU A 206 5.98 12.02 1.87
C LEU A 206 7.48 12.16 2.15
N ALA A 207 8.30 11.70 1.21
CA ALA A 207 9.74 11.99 1.26
C ALA A 207 10.02 13.48 0.99
N PRO A 208 11.12 14.02 1.57
CA PRO A 208 11.45 15.43 1.40
C PRO A 208 11.52 15.84 -0.07
N GLU A 209 12.02 14.96 -0.93
CA GLU A 209 12.21 15.35 -2.32
C GLU A 209 10.88 15.55 -3.04
N ILE A 210 9.82 14.86 -2.57
CA ILE A 210 8.48 15.08 -3.11
C ILE A 210 7.97 16.47 -2.69
N ILE A 211 8.07 16.76 -1.39
CA ILE A 211 7.62 18.05 -0.85
C ILE A 211 8.32 19.22 -1.55
N LEU A 212 9.60 19.03 -1.88
CA LEU A 212 10.39 20.14 -2.42
C LEU A 212 10.38 20.19 -3.95
N SER A 213 9.51 19.38 -4.56
CA SER A 213 9.30 19.38 -6.02
C SER A 213 10.56 19.09 -6.83
N LYS A 214 11.31 18.07 -6.43
CA LYS A 214 12.64 17.85 -7.00
C LYS A 214 12.70 16.83 -8.12
N GLY A 215 11.67 16.03 -8.28
CA GLY A 215 11.79 14.90 -9.19
C GLY A 215 12.44 13.77 -8.41
N TYR A 216 11.85 12.58 -8.49
CA TYR A 216 12.20 11.54 -7.55
C TYR A 216 12.03 10.15 -8.14
N ASN A 217 12.41 9.13 -7.39
CA ASN A 217 12.33 7.78 -7.89
C ASN A 217 11.89 6.83 -6.79
N LYS A 218 12.24 5.56 -6.93
CA LYS A 218 11.76 4.53 -6.01
C LYS A 218 12.24 4.75 -4.58
N ALA A 219 13.24 5.63 -4.39
CA ALA A 219 13.72 5.85 -3.04
C ALA A 219 12.63 6.46 -2.13
N VAL A 220 11.58 7.04 -2.71
CA VAL A 220 10.51 7.57 -1.87
C VAL A 220 9.75 6.44 -1.17
N ASP A 221 9.71 5.24 -1.77
CA ASP A 221 9.05 4.11 -1.12
C ASP A 221 9.85 3.67 0.11
N TRP A 222 11.18 3.74 0.02
CA TRP A 222 12.02 3.32 1.13
C TRP A 222 11.93 4.32 2.30
N TRP A 223 11.87 5.62 1.98
CA TRP A 223 11.54 6.62 3.01
C TRP A 223 10.20 6.28 3.68
N ALA A 224 9.17 6.00 2.87
CA ALA A 224 7.85 5.71 3.42
C ALA A 224 7.89 4.46 4.31
N LEU A 225 8.72 3.50 3.94
CA LEU A 225 8.90 2.31 4.79
C LEU A 225 9.44 2.73 6.15
N GLY A 226 10.39 3.67 6.16
CA GLY A 226 10.90 4.22 7.40
C GLY A 226 9.77 4.79 8.25
N VAL A 227 8.88 5.56 7.64
CA VAL A 227 7.76 6.16 8.38
C VAL A 227 6.86 5.06 8.94
N LEU A 228 6.59 4.05 8.11
CA LEU A 228 5.69 2.96 8.52
C LEU A 228 6.25 2.23 9.71
N ILE A 229 7.54 1.88 9.65
CA ILE A 229 8.13 1.12 10.75
C ILE A 229 8.08 1.93 12.03
N TYR A 230 8.44 3.21 11.92
CA TYR A 230 8.36 4.10 13.06
C TYR A 230 6.95 4.09 13.62
N GLU A 231 5.96 4.28 12.75
CA GLU A 231 4.60 4.42 13.24
C GLU A 231 4.12 3.11 13.87
N MET A 232 4.50 1.97 13.30
CA MET A 232 4.13 0.69 13.91
C MET A 232 4.74 0.53 15.31
N ALA A 233 6.00 0.91 15.44
CA ALA A 233 6.71 0.66 16.70
C ALA A 233 6.42 1.72 17.77
N ALA A 234 6.13 2.95 17.35
CA ALA A 234 5.89 4.04 18.31
C ALA A 234 4.42 4.24 18.64
N GLY A 235 3.55 3.96 17.69
CA GLY A 235 2.13 4.22 17.88
C GLY A 235 1.69 5.55 17.25
N TYR A 236 2.68 6.33 16.83
CA TYR A 236 2.45 7.59 16.14
C TYR A 236 3.52 7.78 15.08
N PRO A 237 3.28 8.65 14.07
CA PRO A 237 4.29 8.82 13.02
C PRO A 237 5.45 9.71 13.47
N PRO A 238 6.58 9.65 12.76
CA PRO A 238 7.75 10.44 13.13
C PRO A 238 7.52 11.93 12.91
N PHE A 239 6.64 12.29 11.98
CA PHE A 239 6.31 13.68 11.73
C PHE A 239 4.80 13.87 11.75
N PHE A 240 4.27 14.46 12.82
CA PHE A 240 2.85 14.73 12.84
C PHE A 240 2.54 16.15 13.33
N ALA A 241 1.39 16.66 12.91
CA ALA A 241 0.92 17.97 13.34
C ALA A 241 -0.57 18.06 13.02
N ASP A 242 -1.17 19.21 13.21
CA ASP A 242 -2.60 19.30 12.94
C ASP A 242 -2.88 19.59 11.48
N GLN A 243 -1.93 20.26 10.82
CA GLN A 243 -2.09 20.65 9.41
C GLN A 243 -0.93 20.11 8.57
N PRO A 244 -1.22 19.67 7.34
CA PRO A 244 -0.19 19.16 6.42
C PRO A 244 1.04 20.08 6.28
N ILE A 245 0.84 21.39 6.11
CA ILE A 245 1.96 22.31 5.95
C ILE A 245 2.96 22.22 7.11
N GLN A 246 2.45 22.11 8.33
CA GLN A 246 3.31 21.91 9.50
C GLN A 246 4.04 20.58 9.49
N ILE A 247 3.39 19.54 8.95
CA ILE A 247 4.00 18.23 8.78
C ILE A 247 5.18 18.30 7.80
N TYR A 248 4.97 18.93 6.66
CA TYR A 248 6.03 19.14 5.67
C TYR A 248 7.25 19.86 6.22
N GLU A 249 7.01 20.86 7.09
CA GLU A 249 8.10 21.61 7.70
C GLU A 249 8.95 20.65 8.53
N LYS A 250 8.29 19.76 9.25
CA LYS A 250 9.03 18.82 10.09
C LYS A 250 9.80 17.83 9.22
N ILE A 251 9.16 17.34 8.17
CA ILE A 251 9.78 16.38 7.27
C ILE A 251 11.06 16.94 6.61
N VAL A 252 11.01 18.17 6.11
CA VAL A 252 12.17 18.74 5.43
C VAL A 252 13.27 19.22 6.38
N SER A 253 12.95 19.35 7.67
CA SER A 253 13.89 19.94 8.62
C SER A 253 15.17 19.10 8.84
N GLY A 254 15.07 17.80 8.65
CA GLY A 254 16.23 16.94 8.83
C GLY A 254 16.36 16.39 10.24
N LYS A 255 15.34 16.60 11.06
CA LYS A 255 15.36 16.16 12.46
C LYS A 255 14.29 15.13 12.76
N VAL A 256 14.68 14.04 13.41
CA VAL A 256 13.75 13.00 13.84
C VAL A 256 14.06 12.59 15.28
N ARG A 257 13.05 12.34 16.10
CA ARG A 257 13.32 11.86 17.45
C ARG A 257 12.58 10.56 17.73
N PHE A 258 13.26 9.67 18.44
CA PHE A 258 12.75 8.32 18.66
C PHE A 258 12.34 8.14 20.11
N PRO A 259 11.25 7.39 20.33
CA PRO A 259 10.82 7.00 21.69
C PRO A 259 11.97 6.31 22.41
N SER A 260 12.02 6.39 23.75
CA SER A 260 13.13 5.82 24.48
C SER A 260 13.10 4.29 24.50
N HIS A 261 11.98 3.69 24.13
CA HIS A 261 11.90 2.24 24.11
C HIS A 261 12.39 1.65 22.79
N PHE A 262 12.63 2.50 21.78
CA PHE A 262 13.19 2.02 20.52
C PHE A 262 14.56 1.38 20.76
N SER A 263 14.77 0.19 20.23
CA SER A 263 16.08 -0.47 20.35
C SER A 263 17.12 0.31 19.56
N SER A 264 18.39 0.10 19.89
CA SER A 264 19.49 0.75 19.18
C SER A 264 19.50 0.37 17.71
N ASP A 265 19.28 -0.91 17.44
CA ASP A 265 19.21 -1.40 16.06
C ASP A 265 18.08 -0.71 15.29
N LEU A 266 16.92 -0.60 15.92
CA LEU A 266 15.75 -0.02 15.24
C LEU A 266 16.02 1.44 14.89
N LYS A 267 16.61 2.18 15.82
CA LYS A 267 16.94 3.58 15.57
C LYS A 267 17.96 3.69 14.44
N ASP A 268 18.95 2.81 14.42
CA ASP A 268 19.94 2.89 13.37
C ASP A 268 19.30 2.62 12.00
N LEU A 269 18.44 1.61 11.91
CA LEU A 269 17.76 1.35 10.65
C LEU A 269 16.93 2.57 10.21
N LEU A 270 16.19 3.16 11.14
CA LEU A 270 15.31 4.27 10.79
C LEU A 270 16.10 5.52 10.39
N ARG A 271 17.24 5.76 11.03
CA ARG A 271 18.09 6.88 10.64
C ARG A 271 18.56 6.70 9.19
N ASN A 272 18.73 5.46 8.76
CA ASN A 272 19.17 5.21 7.40
C ASN A 272 18.01 5.20 6.39
N LEU A 273 16.79 5.00 6.86
CA LEU A 273 15.65 5.06 5.95
C LEU A 273 15.09 6.48 5.89
N LEU A 274 15.02 7.13 7.04
CA LEU A 274 14.52 8.50 7.11
C LEU A 274 15.69 9.45 6.86
N GLN A 275 16.36 9.21 5.75
CA GLN A 275 17.58 9.91 5.40
C GLN A 275 17.27 10.88 4.27
N VAL A 276 17.42 12.18 4.54
CA VAL A 276 17.12 13.18 3.51
C VAL A 276 18.11 13.11 2.35
N ASP A 277 19.37 12.83 2.67
CA ASP A 277 20.42 12.71 1.66
C ASP A 277 20.26 11.42 0.86
N LEU A 278 19.81 11.55 -0.39
CA LEU A 278 19.57 10.40 -1.27
C LEU A 278 20.81 9.52 -1.50
N THR A 279 21.99 10.08 -1.34
CA THR A 279 23.21 9.32 -1.59
C THR A 279 23.52 8.46 -0.37
N LYS A 280 22.72 8.62 0.67
CA LYS A 280 22.92 7.86 1.90
C LYS A 280 21.70 7.03 2.30
N ARG A 281 20.56 7.22 1.65
CA ARG A 281 19.34 6.54 2.10
C ARG A 281 19.38 5.07 1.73
N PHE A 282 19.18 4.21 2.73
CA PHE A 282 19.12 2.78 2.50
C PHE A 282 18.06 2.46 1.47
N GLY A 283 18.37 1.49 0.62
CA GLY A 283 17.46 1.09 -0.44
C GLY A 283 17.87 1.77 -1.73
N ASN A 284 18.63 2.85 -1.61
CA ASN A 284 19.05 3.64 -2.77
C ASN A 284 20.57 3.61 -3.05
N LEU A 285 21.28 2.68 -2.43
CA LEU A 285 22.73 2.63 -2.58
C LEU A 285 23.16 1.48 -3.49
N LYS A 286 24.47 1.32 -3.66
CA LYS A 286 25.05 0.26 -4.50
C LYS A 286 24.41 -1.10 -4.19
N ASN A 287 24.23 -1.39 -2.91
CA ASN A 287 23.74 -2.69 -2.47
C ASN A 287 22.22 -2.84 -2.52
N GLY A 288 21.53 -1.79 -2.97
CA GLY A 288 20.09 -1.87 -3.15
C GLY A 288 19.38 -2.30 -1.88
N VAL A 289 18.38 -3.17 -2.02
CA VAL A 289 17.57 -3.60 -0.89
C VAL A 289 18.40 -4.41 0.11
N ASN A 290 19.54 -4.93 -0.32
CA ASN A 290 20.31 -5.79 0.57
C ASN A 290 20.87 -5.06 1.79
N ASP A 291 21.06 -3.75 1.69
CA ASP A 291 21.44 -2.95 2.85
C ASP A 291 20.34 -3.03 3.92
N ILE A 292 19.10 -3.16 3.48
CA ILE A 292 18.00 -3.30 4.42
C ILE A 292 17.89 -4.75 4.90
N LYS A 293 17.89 -5.71 3.98
CA LYS A 293 17.72 -7.11 4.38
C LYS A 293 18.81 -7.57 5.36
N ASN A 294 19.99 -6.99 5.27
CA ASN A 294 21.11 -7.44 6.11
C ASN A 294 21.39 -6.56 7.32
N HIS A 295 20.55 -5.54 7.55
CA HIS A 295 20.67 -4.72 8.76
C HIS A 295 20.40 -5.59 9.98
N LYS A 296 21.10 -5.39 11.09
CA LYS A 296 20.94 -6.38 12.16
C LYS A 296 19.57 -6.29 12.87
N TRP A 297 18.80 -5.23 12.66
CA TRP A 297 17.41 -5.26 13.14
C TRP A 297 16.64 -6.40 12.48
N PHE A 298 17.10 -6.82 11.31
CA PHE A 298 16.47 -7.92 10.58
C PHE A 298 17.26 -9.23 10.69
N ALA A 299 18.18 -9.32 11.65
CA ALA A 299 19.05 -10.49 11.71
C ALA A 299 18.28 -11.78 12.00
N THR A 300 17.15 -11.68 12.70
CA THR A 300 16.36 -12.86 13.02
C THR A 300 15.33 -13.17 11.93
N THR A 301 15.24 -12.29 10.93
CA THR A 301 14.29 -12.49 9.84
C THR A 301 14.77 -13.48 8.78
N ASP A 302 14.02 -14.57 8.61
CA ASP A 302 14.25 -15.55 7.55
C ASP A 302 13.42 -15.14 6.32
N TRP A 303 14.06 -14.49 5.35
CA TRP A 303 13.33 -13.88 4.24
C TRP A 303 12.54 -14.89 3.41
N ILE A 304 13.13 -16.05 3.15
CA ILE A 304 12.43 -17.08 2.40
C ILE A 304 11.20 -17.56 3.19
N ALA A 305 11.38 -17.79 4.49
CA ALA A 305 10.28 -18.25 5.33
C ALA A 305 9.12 -17.24 5.35
N ILE A 306 9.45 -15.95 5.33
CA ILE A 306 8.40 -14.92 5.27
C ILE A 306 7.62 -15.02 3.96
N TYR A 307 8.35 -15.09 2.85
CA TYR A 307 7.74 -15.22 1.53
C TYR A 307 6.82 -16.44 1.44
N GLN A 308 7.27 -17.57 2.00
CA GLN A 308 6.50 -18.82 1.99
C GLN A 308 5.39 -18.85 3.04
N ARG A 309 5.25 -17.77 3.80
N ARG A 309 5.22 -17.76 3.77
CA ARG A 309 4.24 -17.67 4.85
CA ARG A 309 4.23 -17.67 4.85
C ARG A 309 4.39 -18.77 5.90
C ARG A 309 4.37 -18.80 5.87
N LYS A 310 5.62 -19.18 6.15
CA LYS A 310 5.88 -20.25 7.13
C LYS A 310 6.14 -19.71 8.54
N VAL A 311 6.36 -18.42 8.66
CA VAL A 311 6.60 -17.82 9.97
C VAL A 311 5.28 -17.61 10.71
N GLU A 312 5.28 -17.90 11.99
CA GLU A 312 4.09 -17.73 12.81
C GLU A 312 3.73 -16.25 12.96
N ALA A 313 2.50 -15.90 12.58
CA ALA A 313 2.05 -14.52 12.67
C ALA A 313 1.85 -14.08 14.13
N PRO A 314 2.08 -12.78 14.40
CA PRO A 314 1.89 -12.21 15.73
C PRO A 314 0.45 -12.33 16.20
N PHE A 315 -0.51 -12.14 15.30
CA PHE A 315 -1.89 -12.36 15.66
C PHE A 315 -2.72 -12.71 14.43
N ILE A 316 -3.82 -13.41 14.69
CA ILE A 316 -4.74 -13.90 13.68
C ILE A 316 -6.08 -13.22 13.90
N PRO A 317 -6.53 -12.41 12.94
CA PRO A 317 -7.80 -11.69 13.11
C PRO A 317 -8.97 -12.61 13.43
N LYS A 318 -9.92 -12.10 14.21
CA LYS A 318 -11.13 -12.85 14.52
C LYS A 318 -11.95 -13.02 13.26
N PHE A 319 -12.51 -14.21 13.07
CA PHE A 319 -13.24 -14.55 11.86
C PHE A 319 -14.57 -15.20 12.20
N LYS A 320 -15.66 -14.51 11.92
CA LYS A 320 -17.01 -15.04 12.19
C LYS A 320 -17.68 -15.52 10.90
N GLY A 321 -17.09 -16.53 10.27
CA GLY A 321 -17.66 -17.07 9.05
C GLY A 321 -17.49 -16.16 7.87
N PRO A 322 -17.82 -16.65 6.67
CA PRO A 322 -17.66 -15.83 5.45
C PRO A 322 -18.61 -14.63 5.44
N GLY A 323 -18.15 -13.55 4.82
CA GLY A 323 -18.96 -12.35 4.66
C GLY A 323 -18.95 -11.42 5.85
N ASP A 324 -18.34 -11.84 6.95
CA ASP A 324 -18.30 -11.02 8.15
C ASP A 324 -17.40 -9.80 7.96
N THR A 325 -17.82 -8.65 8.47
CA THR A 325 -17.05 -7.41 8.33
C THR A 325 -16.70 -6.77 9.66
N SER A 326 -16.73 -7.54 10.73
CA SER A 326 -16.61 -6.94 12.06
C SER A 326 -15.21 -6.38 12.29
N ASN A 327 -14.27 -6.70 11.40
CA ASN A 327 -12.95 -6.11 11.49
C ASN A 327 -12.84 -4.77 10.76
N PHE A 328 -13.95 -4.29 10.20
CA PHE A 328 -13.96 -3.04 9.45
C PHE A 328 -14.92 -2.05 10.09
N ASP A 329 -14.63 -0.76 9.94
CA ASP A 329 -15.53 0.28 10.41
C ASP A 329 -16.82 0.28 9.59
N ASP A 330 -17.86 0.92 10.12
CA ASP A 330 -19.11 1.11 9.40
C ASP A 330 -19.08 2.43 8.64
N TYR A 331 -19.58 2.43 7.40
CA TYR A 331 -19.64 3.64 6.60
C TYR A 331 -21.06 3.89 6.14
N GLU A 332 -21.39 5.15 5.90
CA GLU A 332 -22.69 5.48 5.33
C GLU A 332 -22.85 4.83 3.96
N GLU A 333 -23.99 4.17 3.73
CA GLU A 333 -24.21 3.47 2.48
C GLU A 333 -24.82 4.41 1.45
N GLU A 334 -24.34 4.32 0.21
CA GLU A 334 -24.90 5.13 -0.85
C GLU A 334 -25.25 4.29 -2.07
N GLU A 335 -26.15 4.83 -2.89
CA GLU A 335 -26.63 4.15 -4.08
C GLU A 335 -25.58 4.15 -5.18
N ILE A 336 -25.40 3.00 -5.84
CA ILE A 336 -24.61 2.97 -7.06
C ILE A 336 -25.56 3.28 -8.20
N ARG A 337 -25.52 4.52 -8.66
CA ARG A 337 -26.37 4.92 -9.78
C ARG A 337 -25.60 4.74 -11.09
N VAL A 338 -26.29 4.20 -12.08
CA VAL A 338 -25.67 4.08 -13.40
C VAL A 338 -26.49 4.86 -14.41
N SEP A 339 -25.91 5.94 -14.90
CA SEP A 339 -26.57 6.81 -15.88
CB SEP A 339 -25.63 7.97 -16.24
OG SEP A 339 -26.13 8.72 -17.31
C SEP A 339 -26.98 6.04 -17.14
O SEP A 339 -26.39 5.01 -17.47
P SEP A 339 -27.07 9.95 -16.82
O1P SEP A 339 -27.15 10.99 -18.03
O2P SEP A 339 -26.44 10.67 -15.53
O3P SEP A 339 -28.52 9.38 -16.47
N ILE A 340 -28.00 6.54 -17.85
CA ILE A 340 -28.40 5.91 -19.10
C ILE A 340 -27.51 6.40 -20.24
N ASN A 341 -26.59 7.31 -19.93
CA ASN A 341 -25.65 7.83 -20.92
C ASN A 341 -24.20 7.54 -20.54
N GLU A 342 -23.39 7.17 -21.53
CA GLU A 342 -21.98 6.88 -21.27
C GLU A 342 -21.20 8.15 -20.92
N LYS A 343 -20.57 8.14 -19.76
CA LYS A 343 -19.72 9.25 -19.35
C LYS A 343 -18.25 8.95 -19.62
N CYS A 344 -17.54 9.94 -20.16
CA CYS A 344 -16.08 9.89 -20.23
C CYS A 344 -15.57 8.66 -20.97
N GLY A 345 -16.25 8.31 -22.06
CA GLY A 345 -15.91 7.11 -22.80
C GLY A 345 -14.47 7.11 -23.31
N LYS A 346 -14.10 8.16 -24.03
CA LYS A 346 -12.75 8.27 -24.59
C LYS A 346 -11.67 8.18 -23.52
N GLU A 347 -11.83 8.98 -22.47
CA GLU A 347 -10.85 9.02 -21.39
C GLU A 347 -10.48 7.65 -20.82
N PHE A 348 -11.47 6.78 -20.66
CA PHE A 348 -11.25 5.49 -20.00
C PHE A 348 -11.36 4.30 -20.95
N SER A 349 -11.22 4.56 -22.25
CA SER A 349 -11.41 3.48 -23.23
C SER A 349 -10.52 2.27 -22.96
N GLU A 350 -9.31 2.50 -22.45
CA GLU A 350 -8.40 1.36 -22.28
C GLU A 350 -8.68 0.57 -21.00
N PHE A 351 -9.50 1.11 -20.11
CA PHE A 351 -9.82 0.43 -18.84
C PHE A 351 -10.59 -0.85 -19.12
N THR B 1 3.45 13.84 27.08
CA THR B 1 4.09 12.83 26.27
C THR B 1 3.76 12.99 24.78
N THR B 2 4.64 12.48 23.94
CA THR B 2 4.41 12.58 22.51
C THR B 2 3.16 11.80 22.14
N TYR B 3 2.96 10.63 22.77
CA TYR B 3 1.76 9.85 22.50
C TYR B 3 0.50 10.65 22.82
N ALA B 4 0.45 11.28 23.99
CA ALA B 4 -0.72 12.09 24.35
C ALA B 4 -0.92 13.21 23.36
N ASP B 5 0.17 13.80 22.89
CA ASP B 5 0.07 14.87 21.89
C ASP B 5 -0.51 14.34 20.58
N PHE B 6 -0.08 13.15 20.18
CA PHE B 6 -0.68 12.55 18.98
C PHE B 6 -2.17 12.29 19.18
N ILE B 7 -2.53 11.69 20.31
CA ILE B 7 -3.92 11.25 20.52
C ILE B 7 -4.89 12.44 20.54
N ALA B 8 -4.37 13.58 20.99
CA ALA B 8 -5.16 14.81 21.08
C ALA B 8 -5.16 15.55 19.73
N SER B 9 -4.39 15.08 18.77
CA SER B 9 -4.28 15.81 17.49
C SER B 9 -5.48 15.49 16.57
N GLY B 10 -5.61 16.27 15.51
CA GLY B 10 -6.67 16.05 14.54
C GLY B 10 -6.38 14.99 13.49
N ARG B 11 -5.27 14.29 13.62
CA ARG B 11 -4.92 13.34 12.56
C ARG B 11 -4.62 11.93 13.06
N THR B 12 -5.50 11.42 13.94
CA THR B 12 -5.39 10.03 14.38
C THR B 12 -6.34 9.12 13.60
N GLY B 13 -7.25 9.71 12.82
CA GLY B 13 -8.17 8.93 12.00
C GLY B 13 -7.54 8.57 10.65
N ARG B 14 -8.32 7.99 9.74
CA ARG B 14 -7.75 7.64 8.43
C ARG B 14 -7.31 8.88 7.68
N ARG B 15 -6.12 8.80 7.09
CA ARG B 15 -5.54 9.96 6.42
C ARG B 15 -5.73 9.83 4.91
N ASN B 16 -6.27 10.88 4.31
CA ASN B 16 -6.52 10.88 2.89
C ASN B 16 -5.26 11.19 2.12
N ALA B 17 -5.15 10.61 0.94
CA ALA B 17 -4.10 10.98 0.01
C ALA B 17 -4.30 12.41 -0.48
N ILE B 18 -3.20 13.05 -0.89
CA ILE B 18 -3.29 14.34 -1.54
C ILE B 18 -2.91 14.20 -3.00
N HIS B 19 -3.34 15.17 -3.80
CA HIS B 19 -2.92 15.24 -5.19
C HIS B 19 -2.68 16.70 -5.56
N ASP B 20 -2.33 16.93 -6.82
CA ASP B 20 -2.24 18.29 -7.36
C ASP B 20 -1.18 19.12 -6.63
CAD 4W1 C . -9.63 -5.42 -0.39
CAB 4W1 C . -10.11 -6.38 0.51
CAC 4W1 C . -10.71 -5.95 1.70
CAE 4W1 C . -10.80 -4.57 1.94
CAK 4W1 C . -10.32 -3.68 1.06
CAJ 4W1 C . -9.74 -4.12 -0.10
SAH 4W1 C . -9.27 -2.76 -0.97
CAF 4W1 C . -9.80 -1.63 0.13
CAI 4W1 C . -10.33 -2.32 1.16
CAG 4W1 C . -10.93 -1.61 2.38
OAA 4W1 C . -9.89 -1.28 3.31
C1 MPD D . -9.82 -3.07 15.28
C2 MPD D . -11.13 -3.82 15.48
O2 MPD D . -10.94 -5.18 15.17
CM MPD D . -11.54 -3.71 16.93
C3 MPD D . -12.24 -3.28 14.61
C4 MPD D . -12.15 -1.79 14.40
O4 MPD D . -12.53 -1.52 13.07
C5 MPD D . -13.12 -1.06 15.31
C1 EDO E . 11.78 -13.79 -2.43
O1 EDO E . 13.08 -14.35 -2.67
C2 EDO E . 11.56 -12.57 -3.33
O2 EDO E . 12.69 -11.69 -3.26
C1 MPD F . 1.89 4.89 27.23
C2 MPD F . 1.04 4.12 26.24
O2 MPD F . 1.39 2.77 26.31
CM MPD F . -0.42 4.28 26.63
C3 MPD F . 1.26 4.67 24.85
C4 MPD F . 1.67 3.56 23.90
O4 MPD F . 0.65 2.59 23.84
C5 MPD F . 1.90 4.14 22.52
#